data_3HBM
#
_entry.id   3HBM
#
_cell.length_a   93.647
_cell.length_b   93.647
_cell.length_c   42.702
_cell.angle_alpha   90.00
_cell.angle_beta   90.00
_cell.angle_gamma   90.00
#
_symmetry.space_group_name_H-M   'P 41'
#
loop_
_entity.id
_entity.type
_entity.pdbx_description
1 polymer 'UDP-sugar hydrolase'
2 non-polymer 'SULFATE ION'
3 water water
#
_entity_poly.entity_id   1
_entity_poly.type   'polypeptide(L)'
_entity_poly.pdbx_seq_one_letter_code
;(MSE)KVLFRSDSSSQIGFGHIKRDLVLAKQYSDVSFACLPLEGSLIDEIPYPVYELSSESIYELINLIKEEKFELLIID
HYGISVDDEKLIKLETGVKILSFDDEIKPHHCDILLNVNAYAKASDYEGLVPFKCEVRCGFSYALIREEFYQEAKENRKK
KYDFFIC(MSE)GGTDIKNLSLQIASELPKTKIISIATSSSNPNLKKLQKFAKLHNNIRLFIDHENIAKL(MSE)NESNK
LIISASSLVNEALLLKANFKAICYVKNQESTATWLAKKGYEVEYKYLEHHHHHH
;
_entity_poly.pdbx_strand_id   A
#
loop_
_chem_comp.id
_chem_comp.type
_chem_comp.name
_chem_comp.formula
SO4 non-polymer 'SULFATE ION' 'O4 S -2'
#
# COMPACT_ATOMS: atom_id res chain seq x y z
N MSE A 1 -17.89 -14.37 -4.84
CA MSE A 1 -19.31 -14.16 -5.31
C MSE A 1 -19.20 -14.16 -6.83
O MSE A 1 -20.20 -14.08 -7.58
CB MSE A 1 -19.90 -12.86 -4.76
CG MSE A 1 -19.91 -11.64 -5.71
SE MSE A 1 -19.97 -10.00 -4.66
CE MSE A 1 -21.30 -9.01 -5.72
N LYS A 2 -17.96 -14.34 -7.21
CA LYS A 2 -17.34 -14.17 -8.53
C LYS A 2 -16.82 -12.76 -8.74
N VAL A 3 -15.64 -12.57 -8.18
CA VAL A 3 -15.02 -11.27 -8.08
C VAL A 3 -13.73 -11.26 -8.88
N LEU A 4 -13.46 -10.14 -9.54
CA LEU A 4 -12.21 -9.91 -10.25
C LEU A 4 -11.53 -8.64 -9.74
N PHE A 5 -10.25 -8.75 -9.38
CA PHE A 5 -9.46 -7.57 -9.04
C PHE A 5 -8.68 -7.12 -10.26
N ARG A 6 -8.81 -5.84 -10.63
CA ARG A 6 -7.89 -5.26 -11.59
C ARG A 6 -6.86 -4.42 -10.88
N SER A 7 -5.63 -4.93 -10.87
CA SER A 7 -4.56 -4.33 -10.09
C SER A 7 -3.23 -4.83 -10.63
N ASP A 8 -2.22 -3.96 -10.65
CA ASP A 8 -0.89 -4.37 -11.11
C ASP A 8 0.15 -4.23 -10.01
N SER A 9 1.26 -4.93 -10.20
CA SER A 9 2.45 -4.74 -9.39
C SER A 9 3.63 -4.88 -10.31
N SER A 10 4.74 -4.29 -9.92
CA SER A 10 6.00 -4.38 -10.67
C SER A 10 7.06 -3.74 -9.82
N SER A 11 8.29 -3.76 -10.32
CA SER A 11 9.37 -2.99 -9.71
C SER A 11 9.02 -1.50 -9.59
N GLN A 12 8.47 -0.93 -10.67
CA GLN A 12 8.08 0.49 -10.73
C GLN A 12 6.85 0.85 -9.90
N ILE A 13 5.75 0.12 -10.13
CA ILE A 13 4.47 0.35 -9.44
C ILE A 13 4.52 0.10 -7.92
N GLY A 14 5.33 -0.87 -7.51
CA GLY A 14 5.35 -1.28 -6.11
C GLY A 14 4.36 -2.41 -5.88
N PHE A 15 4.34 -2.88 -4.63
CA PHE A 15 3.54 -4.03 -4.24
C PHE A 15 2.27 -3.63 -3.48
N GLY A 16 2.10 -2.33 -3.23
CA GLY A 16 1.07 -1.84 -2.29
C GLY A 16 -0.37 -2.14 -2.67
N HIS A 17 -0.68 -2.04 -3.95
CA HIS A 17 -2.03 -2.38 -4.43
C HIS A 17 -2.28 -3.86 -4.22
N ILE A 18 -1.40 -4.70 -4.75
CA ILE A 18 -1.61 -6.15 -4.58
C ILE A 18 -1.70 -6.57 -3.12
N LYS A 19 -0.80 -6.06 -2.28
CA LYS A 19 -0.84 -6.47 -0.86
C LYS A 19 -2.12 -6.11 -0.15
N ARG A 20 -2.59 -4.87 -0.32
CA ARG A 20 -3.87 -4.52 0.29
C ARG A 20 -5.01 -5.28 -0.37
N ASP A 21 -4.92 -5.54 -1.68
CA ASP A 21 -5.98 -6.31 -2.36
C ASP A 21 -6.10 -7.71 -1.82
N LEU A 22 -4.97 -8.32 -1.48
CA LEU A 22 -4.97 -9.63 -0.87
C LEU A 22 -5.68 -9.67 0.49
N VAL A 23 -5.60 -8.57 1.23
CA VAL A 23 -6.36 -8.49 2.49
C VAL A 23 -7.87 -8.44 2.19
N LEU A 24 -8.25 -7.58 1.26
CA LEU A 24 -9.66 -7.43 0.90
C LEU A 24 -10.20 -8.73 0.31
N ALA A 25 -9.36 -9.42 -0.46
CA ALA A 25 -9.74 -10.66 -1.11
C ALA A 25 -10.29 -11.72 -0.15
N LYS A 26 -9.87 -11.68 1.11
CA LYS A 26 -10.33 -12.62 2.12
C LYS A 26 -11.83 -12.52 2.39
N GLN A 27 -12.46 -11.43 1.96
CA GLN A 27 -13.91 -11.22 2.13
C GLN A 27 -14.76 -12.08 1.20
N TYR A 28 -14.14 -12.58 0.13
CA TYR A 28 -14.84 -13.24 -0.95
C TYR A 28 -14.30 -14.63 -1.19
N SER A 29 -15.14 -15.51 -1.72
CA SER A 29 -14.77 -16.91 -1.84
C SER A 29 -14.37 -17.33 -3.26
N ASP A 30 -14.83 -16.57 -4.26
CA ASP A 30 -14.43 -16.83 -5.67
C ASP A 30 -13.71 -15.60 -6.22
N VAL A 31 -12.38 -15.58 -6.07
CA VAL A 31 -11.57 -14.40 -6.35
C VAL A 31 -10.58 -14.68 -7.47
N SER A 32 -10.45 -13.72 -8.40
CA SER A 32 -9.42 -13.79 -9.45
C SER A 32 -8.81 -12.41 -9.59
N PHE A 33 -7.63 -12.34 -10.21
CA PHE A 33 -6.95 -11.08 -10.53
C PHE A 33 -6.74 -11.00 -12.04
N ALA A 34 -6.67 -9.76 -12.55
CA ALA A 34 -6.29 -9.50 -13.94
C ALA A 34 -5.11 -8.56 -13.90
N CYS A 35 -3.98 -9.04 -14.41
CA CYS A 35 -2.72 -8.33 -14.23
C CYS A 35 -1.97 -8.27 -15.53
N LEU A 36 -1.26 -7.18 -15.75
CA LEU A 36 -0.28 -7.11 -16.84
C LEU A 36 0.97 -7.87 -16.42
N PRO A 37 1.51 -8.73 -17.33
CA PRO A 37 2.77 -9.34 -16.97
C PRO A 37 3.82 -8.24 -17.07
N LEU A 38 4.39 -7.88 -15.92
CA LEU A 38 5.39 -6.81 -15.84
C LEU A 38 6.59 -7.29 -15.06
N GLU A 39 7.78 -6.75 -15.38
CA GLU A 39 8.99 -7.08 -14.64
C GLU A 39 8.85 -6.79 -13.16
N GLY A 40 9.16 -7.79 -12.34
CA GLY A 40 9.12 -7.67 -10.89
C GLY A 40 7.74 -7.76 -10.27
N SER A 41 6.75 -8.23 -11.03
CA SER A 41 5.36 -8.35 -10.51
C SER A 41 5.27 -9.44 -9.44
N LEU A 42 4.19 -9.39 -8.65
CA LEU A 42 3.92 -10.41 -7.66
C LEU A 42 2.99 -11.51 -8.15
N ILE A 43 2.85 -11.63 -9.47
CA ILE A 43 1.89 -12.58 -10.05
C ILE A 43 1.99 -13.99 -9.42
N ASP A 44 3.21 -14.49 -9.23
CA ASP A 44 3.39 -15.81 -8.62
C ASP A 44 3.21 -15.87 -7.11
N GLU A 45 3.24 -14.73 -6.42
CA GLU A 45 2.89 -14.71 -5.01
C GLU A 45 1.36 -14.79 -4.81
N ILE A 46 0.59 -14.38 -5.83
CA ILE A 46 -0.88 -14.29 -5.70
C ILE A 46 -1.54 -15.67 -5.73
N PRO A 47 -2.21 -16.05 -4.63
CA PRO A 47 -2.74 -17.40 -4.49
C PRO A 47 -4.14 -17.56 -5.08
N TYR A 48 -4.47 -16.77 -6.08
CA TYR A 48 -5.74 -16.87 -6.77
C TYR A 48 -5.42 -16.93 -8.25
N PRO A 49 -6.38 -17.37 -9.06
CA PRO A 49 -6.16 -17.30 -10.53
C PRO A 49 -5.81 -15.88 -10.94
N VAL A 50 -4.75 -15.74 -11.74
CA VAL A 50 -4.35 -14.46 -12.29
C VAL A 50 -4.44 -14.55 -13.79
N TYR A 51 -5.40 -13.80 -14.35
CA TYR A 51 -5.53 -13.65 -15.80
C TYR A 51 -4.47 -12.69 -16.30
N GLU A 52 -3.70 -13.12 -17.30
CA GLU A 52 -2.61 -12.28 -17.83
C GLU A 52 -3.12 -11.46 -19.01
N LEU A 53 -3.06 -10.13 -18.88
CA LEU A 53 -3.58 -9.25 -19.92
C LEU A 53 -2.52 -9.08 -21.01
N SER A 54 -2.93 -9.26 -22.25
CA SER A 54 -2.01 -9.16 -23.42
C SER A 54 -1.80 -7.70 -23.86
N SER A 55 -2.59 -6.79 -23.33
CA SER A 55 -2.53 -5.38 -23.70
C SER A 55 -3.17 -4.54 -22.61
N GLU A 56 -2.97 -3.23 -22.69
CA GLU A 56 -3.65 -2.30 -21.78
C GLU A 56 -5.01 -1.87 -22.31
N SER A 57 -5.51 -2.52 -23.36
CA SER A 57 -6.83 -2.17 -23.90
C SER A 57 -7.93 -2.41 -22.87
N ILE A 58 -8.78 -1.41 -22.67
CA ILE A 58 -9.85 -1.55 -21.70
C ILE A 58 -10.83 -2.61 -22.18
N TYR A 59 -10.86 -2.81 -23.51
CA TYR A 59 -11.75 -3.78 -24.11
C TYR A 59 -11.31 -5.21 -23.86
N GLU A 60 -10.02 -5.40 -23.60
CA GLU A 60 -9.53 -6.73 -23.21
C GLU A 60 -10.05 -7.08 -21.82
N LEU A 61 -9.98 -6.12 -20.90
CA LEU A 61 -10.56 -6.26 -19.56
C LEU A 61 -12.06 -6.53 -19.63
N ILE A 62 -12.76 -5.74 -20.46
CA ILE A 62 -14.19 -5.94 -20.71
C ILE A 62 -14.50 -7.33 -21.25
N ASN A 63 -13.68 -7.80 -22.19
CA ASN A 63 -13.86 -9.15 -22.71
C ASN A 63 -13.81 -10.23 -21.61
N LEU A 64 -12.85 -10.09 -20.70
CA LEU A 64 -12.63 -11.06 -19.64
C LEU A 64 -13.82 -11.02 -18.69
N ILE A 65 -14.32 -9.83 -18.40
CA ILE A 65 -15.48 -9.71 -17.52
C ILE A 65 -16.70 -10.39 -18.13
N LYS A 66 -16.94 -10.16 -19.42
CA LYS A 66 -18.06 -10.79 -20.12
C LYS A 66 -17.95 -12.32 -20.22
N GLU A 67 -16.77 -12.79 -20.61
CA GLU A 67 -16.54 -14.22 -20.84
C GLU A 67 -16.62 -15.03 -19.55
N GLU A 68 -16.06 -14.49 -18.47
CA GLU A 68 -16.07 -15.23 -17.21
C GLU A 68 -17.25 -14.89 -16.30
N LYS A 69 -18.07 -13.94 -16.74
CA LYS A 69 -19.30 -13.57 -16.03
C LYS A 69 -18.99 -13.14 -14.59
N PHE A 70 -17.97 -12.32 -14.44
CA PHE A 70 -17.64 -11.75 -13.14
C PHE A 70 -18.78 -10.88 -12.65
N GLU A 71 -19.05 -10.91 -11.36
CA GLU A 71 -20.19 -10.18 -10.80
C GLU A 71 -19.79 -8.85 -10.17
N LEU A 72 -18.57 -8.81 -9.66
CA LEU A 72 -17.97 -7.62 -9.04
C LEU A 72 -16.55 -7.44 -9.54
N LEU A 73 -16.25 -6.23 -9.99
CA LEU A 73 -14.91 -5.83 -10.38
C LEU A 73 -14.36 -4.89 -9.33
N ILE A 74 -13.23 -5.25 -8.75
CA ILE A 74 -12.55 -4.41 -7.78
C ILE A 74 -11.39 -3.76 -8.49
N ILE A 75 -11.43 -2.43 -8.61
CA ILE A 75 -10.36 -1.71 -9.29
C ILE A 75 -9.42 -1.07 -8.30
N ASP A 76 -8.13 -1.42 -8.38
CA ASP A 76 -7.13 -0.78 -7.54
C ASP A 76 -5.96 -0.45 -8.46
N HIS A 77 -6.15 0.59 -9.25
CA HIS A 77 -5.24 0.86 -10.35
C HIS A 77 -5.32 2.32 -10.76
N TYR A 78 -4.19 3.02 -10.66
CA TYR A 78 -4.14 4.44 -11.04
C TYR A 78 -4.40 4.68 -12.53
N GLY A 79 -4.15 3.66 -13.35
CA GLY A 79 -4.28 3.76 -14.80
C GLY A 79 -5.67 3.53 -15.36
N ILE A 80 -6.63 3.23 -14.48
CA ILE A 80 -8.01 3.00 -14.90
C ILE A 80 -8.79 4.26 -14.57
N SER A 81 -9.23 4.96 -15.62
CA SER A 81 -9.84 6.29 -15.51
C SER A 81 -11.35 6.27 -15.24
N VAL A 82 -11.91 7.45 -14.96
CA VAL A 82 -13.37 7.54 -14.82
C VAL A 82 -14.06 7.14 -16.11
N ASP A 83 -13.52 7.59 -17.25
CA ASP A 83 -14.09 7.21 -18.53
C ASP A 83 -14.03 5.68 -18.72
N ASP A 84 -12.95 5.05 -18.26
CA ASP A 84 -12.81 3.58 -18.32
C ASP A 84 -13.90 2.89 -17.48
N GLU A 85 -14.10 3.37 -16.26
CA GLU A 85 -15.11 2.78 -15.37
C GLU A 85 -16.47 2.95 -15.97
N LYS A 86 -16.73 4.10 -16.59
CA LYS A 86 -18.02 4.35 -17.20
C LYS A 86 -18.31 3.33 -18.30
N LEU A 87 -17.29 3.13 -19.13
CA LEU A 87 -17.32 2.18 -20.23
C LEU A 87 -17.51 0.73 -19.78
N ILE A 88 -16.75 0.32 -18.76
CA ILE A 88 -16.92 -1.02 -18.20
C ILE A 88 -18.35 -1.22 -17.74
N LYS A 89 -18.89 -0.23 -17.03
CA LYS A 89 -20.25 -0.34 -16.52
C LYS A 89 -21.24 -0.46 -17.67
N LEU A 90 -21.12 0.39 -18.68
CA LEU A 90 -22.04 0.37 -19.82
C LEU A 90 -21.99 -0.97 -20.55
N GLU A 91 -20.77 -1.42 -20.83
CA GLU A 91 -20.57 -2.61 -21.66
C GLU A 91 -20.82 -3.93 -20.96
N THR A 92 -20.68 -3.99 -19.63
CA THR A 92 -20.79 -5.26 -18.91
C THR A 92 -21.91 -5.31 -17.85
N GLY A 93 -22.25 -4.15 -17.30
CA GLY A 93 -23.20 -4.09 -16.17
C GLY A 93 -22.66 -4.63 -14.85
N VAL A 94 -21.40 -5.07 -14.83
CA VAL A 94 -20.74 -5.51 -13.61
C VAL A 94 -20.83 -4.44 -12.49
N LYS A 95 -20.87 -4.89 -11.23
CA LYS A 95 -20.75 -3.97 -10.11
C LYS A 95 -19.29 -3.57 -9.97
N ILE A 96 -19.03 -2.31 -9.61
CA ILE A 96 -17.64 -1.81 -9.51
C ILE A 96 -17.35 -1.29 -8.11
N LEU A 97 -16.32 -1.85 -7.49
CA LEU A 97 -15.75 -1.24 -6.30
C LEU A 97 -14.42 -0.63 -6.69
N SER A 98 -14.28 0.69 -6.48
CA SER A 98 -13.07 1.41 -6.82
C SER A 98 -12.29 1.87 -5.58
N PHE A 99 -11.02 1.46 -5.49
CA PHE A 99 -10.13 2.06 -4.51
C PHE A 99 -9.82 3.50 -4.92
N ASP A 100 -9.73 4.37 -3.92
CA ASP A 100 -9.28 5.73 -4.14
C ASP A 100 -8.46 6.21 -2.97
N ASP A 101 -7.41 6.97 -3.26
CA ASP A 101 -6.52 7.42 -2.21
C ASP A 101 -6.37 8.93 -2.09
N GLU A 102 -6.68 9.66 -3.16
CA GLU A 102 -6.40 11.12 -3.21
C GLU A 102 -7.64 12.03 -3.18
N ILE A 103 -8.83 11.42 -3.10
CA ILE A 103 -10.10 12.12 -3.36
C ILE A 103 -10.19 12.55 -4.81
N LYS A 104 -10.49 11.55 -5.64
CA LYS A 104 -10.73 11.73 -7.06
C LYS A 104 -12.05 11.08 -7.42
N PRO A 105 -12.67 11.54 -8.53
CA PRO A 105 -13.94 10.99 -8.92
C PRO A 105 -13.79 9.58 -9.43
N HIS A 106 -14.85 8.78 -9.21
CA HIS A 106 -14.95 7.42 -9.78
C HIS A 106 -16.37 7.13 -10.17
N HIS A 107 -16.56 6.36 -11.23
CA HIS A 107 -17.89 5.88 -11.61
C HIS A 107 -18.07 4.45 -11.08
N CYS A 108 -18.42 4.33 -9.81
CA CYS A 108 -18.39 3.05 -9.13
C CYS A 108 -19.64 2.87 -8.26
N ASP A 109 -19.85 1.64 -7.82
CA ASP A 109 -20.98 1.30 -6.95
C ASP A 109 -20.58 1.36 -5.49
N ILE A 110 -19.30 1.11 -5.25
CA ILE A 110 -18.71 1.19 -3.92
C ILE A 110 -17.41 1.93 -4.10
N LEU A 111 -17.24 3.01 -3.34
CA LEU A 111 -15.97 3.74 -3.28
C LEU A 111 -15.24 3.37 -1.99
N LEU A 112 -13.96 3.00 -2.10
CA LEU A 112 -13.24 2.53 -0.93
C LEU A 112 -11.98 3.37 -0.74
N ASN A 113 -11.96 4.18 0.32
CA ASN A 113 -10.75 4.93 0.69
C ASN A 113 -10.31 4.49 2.08
N VAL A 114 -9.27 3.67 2.14
CA VAL A 114 -8.87 3.04 3.40
C VAL A 114 -8.07 3.98 4.31
N ASN A 115 -7.74 5.18 3.83
CA ASN A 115 -6.84 6.09 4.56
C ASN A 115 -7.60 6.82 5.66
N ALA A 116 -6.96 6.97 6.82
CA ALA A 116 -7.64 7.46 8.02
C ALA A 116 -8.14 8.90 7.88
N TYR A 117 -7.53 9.69 7.00
CA TYR A 117 -7.92 11.08 6.79
C TYR A 117 -9.30 11.21 6.13
N ALA A 118 -9.73 10.17 5.41
CA ALA A 118 -10.84 10.32 4.47
C ALA A 118 -12.20 10.22 5.14
N LYS A 119 -13.12 11.02 4.62
CA LYS A 119 -14.50 11.06 5.11
C LYS A 119 -15.45 10.93 3.93
N ALA A 120 -16.60 10.31 4.16
CA ALA A 120 -17.55 10.13 3.05
C ALA A 120 -17.93 11.46 2.39
N SER A 121 -18.08 12.52 3.20
CA SER A 121 -18.43 13.84 2.66
C SER A 121 -17.46 14.37 1.60
N ASP A 122 -16.22 13.89 1.62
CA ASP A 122 -15.20 14.32 0.65
C ASP A 122 -15.61 13.94 -0.78
N TYR A 123 -16.49 12.95 -0.90
CA TYR A 123 -16.86 12.43 -2.21
C TYR A 123 -18.21 12.94 -2.74
N GLU A 124 -18.84 13.87 -2.01
CA GLU A 124 -20.02 14.55 -2.57
C GLU A 124 -19.78 15.07 -3.98
N GLY A 125 -20.61 14.64 -4.92
CA GLY A 125 -20.47 15.07 -6.29
C GLY A 125 -19.40 14.34 -7.08
N LEU A 126 -18.62 13.48 -6.43
CA LEU A 126 -17.52 12.77 -7.13
C LEU A 126 -17.84 11.33 -7.52
N VAL A 127 -18.95 10.81 -7.00
CA VAL A 127 -19.38 9.44 -7.26
C VAL A 127 -20.88 9.43 -7.56
N PRO A 128 -21.37 8.38 -8.23
CA PRO A 128 -22.81 8.24 -8.46
C PRO A 128 -23.64 8.32 -7.18
N LYS A 130 -25.99 6.79 -5.57
CA LYS A 130 -26.30 5.41 -5.20
C LYS A 130 -25.06 4.67 -4.69
N CYS A 131 -23.90 5.28 -4.91
CA CYS A 131 -22.62 4.70 -4.50
C CYS A 131 -22.47 4.62 -2.98
N GLU A 132 -22.07 3.47 -2.47
CA GLU A 132 -21.75 3.33 -1.05
C GLU A 132 -20.32 3.80 -0.90
N VAL A 133 -20.15 4.83 -0.07
CA VAL A 133 -18.85 5.47 0.11
C VAL A 133 -18.26 4.99 1.42
N ARG A 134 -17.16 4.24 1.34
CA ARG A 134 -16.49 3.68 2.49
C ARG A 134 -15.17 4.41 2.67
N CYS A 135 -15.08 5.25 3.70
CA CYS A 135 -13.87 6.03 3.93
C CYS A 135 -13.39 5.92 5.35
N GLY A 136 -12.08 5.86 5.52
CA GLY A 136 -11.51 6.05 6.84
C GLY A 136 -11.03 4.78 7.51
N PHE A 137 -10.62 4.95 8.77
CA PHE A 137 -9.96 3.89 9.54
C PHE A 137 -10.87 2.68 9.80
N SER A 138 -12.18 2.91 9.77
CA SER A 138 -13.17 1.84 9.80
C SER A 138 -12.90 0.78 8.74
N TYR A 139 -12.34 1.20 7.61
CA TYR A 139 -12.17 0.29 6.49
C TYR A 139 -10.70 -0.08 6.19
N ALA A 140 -9.82 0.17 7.15
CA ALA A 140 -8.40 -0.22 7.02
C ALA A 140 -8.25 -1.71 6.65
N LEU A 141 -7.23 -2.01 5.87
CA LEU A 141 -6.94 -3.38 5.47
C LEU A 141 -5.67 -3.81 6.20
N ILE A 142 -5.87 -4.34 7.39
CA ILE A 142 -4.77 -4.68 8.29
C ILE A 142 -4.68 -6.22 8.40
N ARG A 143 -3.50 -6.79 8.18
CA ARG A 143 -3.31 -8.24 8.33
C ARG A 143 -3.59 -8.64 9.78
N GLU A 144 -3.99 -9.90 9.98
CA GLU A 144 -4.41 -10.38 11.31
C GLU A 144 -3.36 -10.23 12.42
N GLU A 145 -2.09 -10.47 12.08
CA GLU A 145 -0.97 -10.35 13.06
C GLU A 145 -0.97 -9.05 13.86
N PHE A 146 -1.40 -7.95 13.25
CA PHE A 146 -1.42 -6.64 13.91
C PHE A 146 -2.48 -6.54 14.98
N TYR A 147 -3.63 -7.16 14.74
CA TYR A 147 -4.68 -7.18 15.75
C TYR A 147 -4.19 -7.96 16.97
N GLN A 148 -3.52 -9.09 16.73
CA GLN A 148 -2.92 -9.90 17.80
C GLN A 148 -1.88 -9.07 18.58
N GLU A 149 -0.98 -8.43 17.84
CA GLU A 149 0.14 -7.71 18.44
C GLU A 149 -0.30 -6.45 19.21
N ALA A 150 -1.38 -5.80 18.75
CA ALA A 150 -1.94 -4.63 19.43
C ALA A 150 -2.28 -4.86 20.90
N LYS A 151 -2.44 -6.11 21.29
CA LYS A 151 -2.77 -6.47 22.68
C LYS A 151 -1.53 -6.63 23.58
N GLU A 152 -0.36 -6.74 22.95
CA GLU A 152 0.89 -6.94 23.69
C GLU A 152 1.50 -5.62 24.13
N ASN A 153 2.21 -5.64 25.27
CA ASN A 153 2.98 -4.50 25.73
C ASN A 153 4.48 -4.84 25.77
N ARG A 154 5.18 -4.52 24.69
CA ARG A 154 6.55 -4.99 24.47
C ARG A 154 7.59 -4.07 25.08
N LYS A 155 8.62 -4.68 25.68
CA LYS A 155 9.81 -3.97 26.07
C LYS A 155 10.48 -3.47 24.79
N LYS A 156 10.95 -2.22 24.80
CA LYS A 156 11.51 -1.62 23.60
C LYS A 156 12.95 -2.04 23.38
N LYS A 157 13.24 -2.48 22.17
CA LYS A 157 14.57 -2.99 21.79
C LYS A 157 15.26 -2.11 20.76
N TYR A 158 14.49 -1.23 20.12
CA TYR A 158 15.03 -0.36 19.05
C TYR A 158 14.65 1.08 19.32
N ASP A 159 15.59 1.99 19.07
CA ASP A 159 15.26 3.40 19.10
C ASP A 159 14.42 3.74 17.86
N PHE A 160 14.75 3.14 16.73
CA PHE A 160 14.07 3.41 15.46
C PHE A 160 13.79 2.13 14.68
N PHE A 161 12.57 2.06 14.09
CA PHE A 161 12.20 1.07 13.09
C PHE A 161 11.97 1.82 11.77
N ILE A 162 12.68 1.42 10.72
CA ILE A 162 12.50 2.02 9.39
C ILE A 162 11.82 1.03 8.47
N CYS A 163 10.67 1.43 7.91
CA CYS A 163 10.06 0.66 6.82
C CYS A 163 9.42 1.53 5.76
N MSE A 164 9.90 1.39 4.54
CA MSE A 164 9.41 2.20 3.43
C MSE A 164 8.37 1.42 2.62
O MSE A 164 7.86 1.93 1.61
CB MSE A 164 10.58 2.64 2.54
CG MSE A 164 11.44 3.77 3.14
SE MSE A 164 10.44 5.38 3.65
CE MSE A 164 10.47 5.15 5.59
N GLY A 165 8.07 0.20 3.05
CA GLY A 165 7.15 -0.66 2.31
C GLY A 165 7.85 -1.81 1.64
N GLY A 166 7.22 -2.35 0.60
CA GLY A 166 7.74 -3.50 -0.14
C GLY A 166 9.02 -3.35 -0.95
N THR A 167 9.22 -2.20 -1.59
CA THR A 167 10.25 -2.09 -2.62
C THR A 167 11.31 -1.00 -2.37
N ASP A 168 10.85 0.14 -1.88
CA ASP A 168 11.69 1.31 -1.63
C ASP A 168 12.53 1.69 -2.85
N ILE A 169 11.86 1.97 -3.96
CA ILE A 169 12.55 2.29 -5.21
C ILE A 169 13.51 3.48 -5.09
N LYS A 170 13.18 4.44 -4.23
CA LYS A 170 14.02 5.61 -4.02
C LYS A 170 15.17 5.30 -3.06
N ASN A 171 15.18 4.10 -2.50
CA ASN A 171 16.21 3.72 -1.51
C ASN A 171 16.32 4.73 -0.36
N LEU A 172 15.16 5.18 0.14
CA LEU A 172 15.15 6.04 1.30
C LEU A 172 15.65 5.35 2.58
N SER A 173 15.46 4.04 2.70
CA SER A 173 15.87 3.35 3.93
C SER A 173 17.35 3.58 4.22
N LEU A 174 18.16 3.56 3.16
CA LEU A 174 19.62 3.77 3.32
C LEU A 174 19.91 5.21 3.73
N GLN A 175 19.29 6.15 3.03
CA GLN A 175 19.49 7.58 3.32
C GLN A 175 19.07 7.91 4.75
N ILE A 176 17.94 7.37 5.19
CA ILE A 176 17.44 7.63 6.55
C ILE A 176 18.37 7.04 7.61
N ALA A 177 18.76 5.78 7.43
CA ALA A 177 19.63 5.11 8.41
C ALA A 177 20.98 5.79 8.45
N SER A 178 21.46 6.19 7.28
CA SER A 178 22.85 6.61 7.13
C SER A 178 23.14 7.90 7.88
N GLU A 179 22.09 8.69 8.08
CA GLU A 179 22.23 9.95 8.80
C GLU A 179 21.77 9.95 10.25
N LEU A 180 21.09 8.89 10.69
CA LEU A 180 20.71 8.78 12.10
C LEU A 180 21.99 8.55 12.92
N PRO A 181 22.04 9.06 14.17
CA PRO A 181 23.23 8.89 15.02
C PRO A 181 23.61 7.42 15.14
N LYS A 182 24.90 7.13 15.11
CA LYS A 182 25.34 5.73 15.11
C LYS A 182 25.23 5.07 16.49
N THR A 183 24.87 5.88 17.49
CA THR A 183 24.53 5.41 18.85
C THR A 183 23.05 5.01 19.00
N LYS A 184 22.28 5.15 17.93
CA LYS A 184 20.85 4.76 17.98
C LYS A 184 20.66 3.36 17.42
N ILE A 185 19.84 2.56 18.10
CA ILE A 185 19.65 1.17 17.72
C ILE A 185 18.54 1.11 16.67
N ILE A 186 18.86 0.62 15.48
CA ILE A 186 17.97 0.73 14.32
C ILE A 186 17.61 -0.64 13.79
N SER A 187 16.33 -0.84 13.54
CA SER A 187 15.84 -1.94 12.73
C SER A 187 15.33 -1.40 11.41
N ILE A 188 15.66 -2.11 10.34
CA ILE A 188 15.12 -1.82 9.02
C ILE A 188 14.43 -3.06 8.45
N ALA A 189 13.18 -2.90 8.03
CA ALA A 189 12.44 -3.97 7.36
C ALA A 189 12.33 -3.69 5.87
N THR A 190 12.72 -4.66 5.04
CA THR A 190 12.52 -4.56 3.60
C THR A 190 12.35 -5.96 2.99
N SER A 191 11.93 -6.00 1.73
CA SER A 191 11.79 -7.29 1.05
C SER A 191 13.07 -7.72 0.33
N SER A 192 13.15 -9.02 0.02
CA SER A 192 14.30 -9.55 -0.73
C SER A 192 14.30 -9.08 -2.18
N SER A 193 13.20 -8.44 -2.60
CA SER A 193 13.02 -7.86 -3.93
C SER A 193 13.55 -6.41 -4.00
N ASN A 194 14.05 -5.90 -2.88
CA ASN A 194 14.59 -4.54 -2.83
C ASN A 194 15.78 -4.43 -3.80
N PRO A 195 15.69 -3.53 -4.79
CA PRO A 195 16.75 -3.45 -5.81
C PRO A 195 18.11 -2.95 -5.29
N ASN A 196 18.16 -2.42 -4.06
CA ASN A 196 19.40 -1.98 -3.45
C ASN A 196 19.74 -2.75 -2.16
N LEU A 197 19.24 -3.99 -2.06
CA LEU A 197 19.48 -4.81 -0.87
C LEU A 197 20.97 -5.03 -0.53
N LYS A 198 21.76 -5.40 -1.54
CA LYS A 198 23.19 -5.69 -1.30
C LYS A 198 23.87 -4.47 -0.70
N LYS A 199 23.54 -3.28 -1.22
CA LYS A 199 24.06 -2.03 -0.74
C LYS A 199 23.64 -1.77 0.70
N LEU A 200 22.37 -2.03 1.03
CA LEU A 200 21.90 -1.90 2.41
C LEU A 200 22.66 -2.83 3.38
N GLN A 201 22.92 -4.06 2.93
CA GLN A 201 23.70 -5.03 3.70
C GLN A 201 25.15 -4.58 3.90
N LYS A 202 25.79 -4.05 2.86
CA LYS A 202 27.14 -3.50 2.97
C LYS A 202 27.20 -2.35 3.97
N PHE A 203 26.21 -1.46 3.90
CA PHE A 203 26.15 -0.33 4.83
C PHE A 203 26.00 -0.78 6.28
N ALA A 204 25.14 -1.77 6.50
CA ALA A 204 24.93 -2.34 7.83
C ALA A 204 26.25 -2.88 8.42
N LYS A 205 27.04 -3.53 7.56
CA LYS A 205 28.33 -4.10 7.94
C LYS A 205 29.34 -3.03 8.42
N LEU A 206 29.22 -1.81 7.88
CA LEU A 206 30.12 -0.71 8.27
C LEU A 206 29.86 -0.23 9.68
N HIS A 207 28.71 -0.61 10.22
CA HIS A 207 28.26 -0.09 11.51
C HIS A 207 27.97 -1.18 12.54
N ASN A 208 27.64 -0.80 13.77
CA ASN A 208 27.31 -1.78 14.80
C ASN A 208 25.86 -1.66 15.28
N ASN A 209 25.13 -0.69 14.73
CA ASN A 209 23.84 -0.28 15.30
C ASN A 209 22.63 -0.56 14.42
N ILE A 210 22.86 -1.16 13.26
CA ILE A 210 21.78 -1.38 12.29
C ILE A 210 21.53 -2.87 12.10
N ARG A 211 20.28 -3.28 12.32
CA ARG A 211 19.88 -4.64 12.11
C ARG A 211 18.85 -4.68 10.98
N LEU A 212 19.11 -5.49 9.96
CA LEU A 212 18.20 -5.63 8.82
C LEU A 212 17.34 -6.86 9.02
N PHE A 213 16.06 -6.71 8.67
CA PHE A 213 15.09 -7.81 8.69
C PHE A 213 14.50 -7.96 7.28
N ILE A 214 14.79 -9.07 6.62
CA ILE A 214 14.37 -9.26 5.23
C ILE A 214 13.21 -10.25 5.14
N ASP A 215 12.16 -9.85 4.43
CA ASP A 215 10.90 -10.62 4.34
C ASP A 215 10.48 -11.11 5.71
N HIS A 216 10.45 -10.21 6.69
CA HIS A 216 10.20 -10.57 8.08
C HIS A 216 8.72 -10.95 8.27
N GLU A 217 8.49 -12.04 9.00
CA GLU A 217 7.13 -12.56 9.15
C GLU A 217 6.30 -11.91 10.25
N ASN A 218 6.97 -11.20 11.16
CA ASN A 218 6.27 -10.54 12.25
C ASN A 218 6.66 -9.07 12.36
N ILE A 219 6.32 -8.29 11.34
CA ILE A 219 6.62 -6.86 11.32
C ILE A 219 5.92 -6.08 12.43
N ALA A 220 4.72 -6.53 12.80
CA ALA A 220 3.98 -5.95 13.90
C ALA A 220 4.78 -5.92 15.22
N LYS A 221 5.44 -7.04 15.56
CA LYS A 221 6.22 -7.11 16.81
C LYS A 221 7.43 -6.19 16.74
N LEU A 222 8.08 -6.15 15.58
CA LEU A 222 9.22 -5.23 15.37
C LEU A 222 8.80 -3.80 15.63
N MSE A 223 7.66 -3.41 15.07
CA MSE A 223 7.10 -2.09 15.30
C MSE A 223 6.78 -1.88 16.78
O MSE A 223 7.09 -0.85 17.35
CB MSE A 223 5.87 -1.89 14.43
CG MSE A 223 6.27 -1.81 12.95
SE MSE A 223 4.77 -1.92 11.70
CE MSE A 223 3.69 -0.84 12.69
N ASN A 224 6.17 -2.89 17.39
CA ASN A 224 5.78 -2.77 18.78
C ASN A 224 7.00 -2.68 19.71
N GLU A 225 8.13 -3.25 19.28
CA GLU A 225 9.31 -3.16 20.14
C GLU A 225 10.27 -2.02 19.77
N SER A 226 9.77 -1.08 18.96
CA SER A 226 10.57 0.09 18.61
C SER A 226 10.01 1.38 19.20
N ASN A 227 10.89 2.28 19.67
CA ASN A 227 10.45 3.52 20.29
C ASN A 227 9.74 4.44 19.30
N LYS A 228 10.36 4.60 18.13
CA LYS A 228 9.90 5.52 17.09
C LYS A 228 9.92 4.81 15.75
N LEU A 229 8.85 4.96 14.96
CA LEU A 229 8.84 4.37 13.63
C LEU A 229 9.08 5.45 12.61
N ILE A 230 9.71 5.10 11.51
CA ILE A 230 9.84 5.99 10.36
C ILE A 230 9.31 5.20 9.17
N ILE A 231 8.13 5.60 8.70
CA ILE A 231 7.39 4.79 7.74
C ILE A 231 6.90 5.63 6.58
N SER A 232 6.69 4.99 5.43
CA SER A 232 6.03 5.66 4.32
C SER A 232 4.55 5.92 4.68
N ALA A 233 3.94 6.91 4.02
CA ALA A 233 2.62 7.37 4.36
C ALA A 233 1.51 6.65 3.61
N SER A 234 1.53 5.32 3.63
CA SER A 234 0.42 4.58 3.01
C SER A 234 -0.09 3.51 3.98
N SER A 235 -0.12 2.24 3.55
CA SER A 235 -0.72 1.18 4.37
C SER A 235 -0.12 1.06 5.76
N LEU A 236 1.18 1.39 5.89
CA LEU A 236 1.84 1.27 7.19
C LEU A 236 1.27 2.21 8.23
N VAL A 237 0.69 3.33 7.78
CA VAL A 237 0.09 4.30 8.68
C VAL A 237 -1.04 3.68 9.49
N ASN A 238 -1.94 2.97 8.81
CA ASN A 238 -3.01 2.32 9.53
C ASN A 238 -2.54 1.26 10.54
N GLU A 239 -1.53 0.50 10.15
CA GLU A 239 -0.91 -0.47 11.04
C GLU A 239 -0.28 0.21 12.25
N ALA A 240 0.48 1.28 11.99
CA ALA A 240 1.06 2.08 13.10
C ALA A 240 0.01 2.68 14.04
N LEU A 241 -1.10 3.15 13.47
CA LEU A 241 -2.15 3.74 14.29
C LEU A 241 -2.82 2.70 15.20
N LEU A 242 -3.02 1.51 14.67
CA LEU A 242 -3.65 0.43 15.43
C LEU A 242 -2.76 0.00 16.60
N LEU A 243 -1.45 0.04 16.39
CA LEU A 243 -0.49 -0.27 17.45
C LEU A 243 -0.22 0.92 18.38
N LYS A 244 -0.85 2.06 18.12
CA LYS A 244 -0.68 3.27 18.93
C LYS A 244 0.81 3.65 19.02
N ALA A 245 1.50 3.51 17.89
CA ALA A 245 2.92 3.79 17.82
C ALA A 245 3.23 5.26 17.67
N ASN A 246 4.42 5.63 18.13
CA ASN A 246 5.03 6.94 17.87
C ASN A 246 5.73 6.81 16.52
N PHE A 247 5.33 7.63 15.56
CA PHE A 247 5.93 7.51 14.21
C PHE A 247 6.08 8.83 13.48
N LYS A 248 7.06 8.84 12.56
CA LYS A 248 7.25 9.91 11.62
C LYS A 248 6.89 9.33 10.26
N ALA A 249 6.10 10.07 9.49
CA ALA A 249 5.62 9.60 8.21
C ALA A 249 6.37 10.29 7.09
N ILE A 250 6.80 9.51 6.11
CA ILE A 250 7.47 10.01 4.93
C ILE A 250 6.47 10.01 3.82
N CYS A 251 6.19 11.19 3.25
CA CYS A 251 5.36 11.30 2.04
C CYS A 251 6.17 10.81 0.84
N TYR A 252 5.99 9.53 0.50
CA TYR A 252 6.88 8.83 -0.43
C TYR A 252 6.63 9.25 -1.89
N VAL A 253 5.34 9.37 -2.24
CA VAL A 253 4.93 9.85 -3.57
C VAL A 253 3.80 10.86 -3.39
N LYS A 254 3.55 11.66 -4.43
CA LYS A 254 2.53 12.70 -4.41
C LYS A 254 1.18 12.23 -3.90
N ASN A 255 0.80 10.99 -4.20
CA ASN A 255 -0.53 10.54 -3.80
C ASN A 255 -0.73 10.33 -2.30
N GLN A 256 0.35 10.43 -1.51
CA GLN A 256 0.24 10.27 -0.06
C GLN A 256 0.08 11.60 0.64
N GLU A 257 0.02 12.69 -0.13
CA GLU A 257 -0.13 14.04 0.42
C GLU A 257 -1.33 14.24 1.36
N SER A 258 -2.49 13.68 1.03
CA SER A 258 -3.69 13.84 1.89
C SER A 258 -3.50 13.23 3.27
N THR A 259 -2.95 12.01 3.29
CA THR A 259 -2.59 11.33 4.54
C THR A 259 -1.55 12.11 5.32
N ALA A 260 -0.50 12.57 4.63
CA ALA A 260 0.59 13.30 5.27
C ALA A 260 0.06 14.57 5.92
N THR A 261 -0.82 15.27 5.22
CA THR A 261 -1.43 16.53 5.68
C THR A 261 -2.26 16.32 6.95
N TRP A 262 -3.05 15.22 6.95
CA TRP A 262 -3.88 14.85 8.07
C TRP A 262 -3.03 14.47 9.29
N LEU A 263 -2.02 13.62 9.08
CA LEU A 263 -1.07 13.27 10.13
C LEU A 263 -0.44 14.50 10.80
N ALA A 264 0.00 15.47 10.00
CA ALA A 264 0.61 16.68 10.55
C ALA A 264 -0.38 17.48 11.42
N LYS A 265 -1.63 17.58 10.96
CA LYS A 265 -2.70 18.20 11.74
C LYS A 265 -2.94 17.47 13.07
N LYS A 266 -2.80 16.15 13.04
CA LYS A 266 -2.91 15.33 14.23
C LYS A 266 -1.65 15.38 15.08
N GLY A 267 -0.64 16.11 14.64
CA GLY A 267 0.54 16.36 15.45
C GLY A 267 1.70 15.42 15.24
N TYR A 268 1.64 14.61 14.18
CA TYR A 268 2.75 13.73 13.79
C TYR A 268 3.77 14.48 12.98
N GLU A 269 5.05 14.08 13.08
CA GLU A 269 6.08 14.62 12.21
C GLU A 269 5.91 13.98 10.85
N VAL A 270 5.94 14.81 9.81
CA VAL A 270 5.82 14.35 8.44
C VAL A 270 6.91 15.02 7.60
N GLU A 271 7.50 14.25 6.70
CA GLU A 271 8.56 14.73 5.85
C GLU A 271 8.13 14.70 4.39
N TYR A 272 8.25 15.85 3.72
CA TYR A 272 7.89 15.96 2.28
C TYR A 272 9.08 16.05 1.33
N LYS A 273 10.30 16.20 1.87
CA LYS A 273 11.44 16.49 1.02
C LYS A 273 11.79 15.40 0.03
N TYR A 274 11.41 14.15 0.30
CA TYR A 274 11.77 13.08 -0.61
C TYR A 274 10.97 13.09 -1.93
N LEU A 275 9.95 13.95 -2.00
CA LEU A 275 9.26 14.22 -3.27
C LEU A 275 10.13 15.03 -4.23
N GLU A 276 11.09 15.76 -3.67
CA GLU A 276 11.95 16.61 -4.49
C GLU A 276 12.86 15.77 -5.36
N HIS A 277 13.12 16.26 -6.58
CA HIS A 277 13.77 15.48 -7.62
C HIS A 277 15.14 14.88 -7.23
N HIS A 278 15.92 15.62 -6.46
CA HIS A 278 17.26 15.13 -6.11
C HIS A 278 17.20 13.87 -5.24
N HIS A 279 16.04 13.61 -4.64
CA HIS A 279 15.86 12.43 -3.78
C HIS A 279 15.26 11.22 -4.49
N HIS A 280 15.23 11.24 -5.81
CA HIS A 280 14.59 10.13 -6.49
C HIS A 280 15.38 8.83 -6.53
N HIS A 281 16.68 8.92 -6.17
CA HIS A 281 17.55 7.76 -6.08
C HIS A 281 18.55 7.99 -4.93
N HIS A 282 18.94 6.91 -4.28
CA HIS A 282 20.10 6.92 -3.34
C HIS A 282 20.84 5.61 -3.43
S SO4 B . 5.07 -0.71 -1.82
O1 SO4 B . 5.91 -1.16 -2.95
O2 SO4 B . 3.83 -0.15 -2.32
O3 SO4 B . 4.80 -1.86 -0.95
O4 SO4 B . 5.79 0.31 -1.06
#